data_6BWU
#
_entry.id   6BWU
#
_cell.length_a   53.300
_cell.length_b   53.300
_cell.length_c   191.966
_cell.angle_alpha   90.00
_cell.angle_beta   90.00
_cell.angle_gamma   90.00
#
_symmetry.space_group_name_H-M   'P 41 21 2'
#
loop_
_entity.id
_entity.type
_entity.pdbx_description
1 polymer 'Hemoglobin subunit alpha'
2 polymer 'Hemoglobin subunit beta'
3 non-polymer 'CARBON MONOXIDE'
4 non-polymer 'PROTOPORPHYRIN IX CONTAINING FE'
5 non-polymer 1H-1,2,3-triazole-5-thiol
6 water water
#
loop_
_entity_poly.entity_id
_entity_poly.type
_entity_poly.pdbx_seq_one_letter_code
_entity_poly.pdbx_strand_id
1 'polypeptide(L)'
;VLSPADKTNVKAAWGKVGAHAGEYGAEALERMFLSFPTTKTYFPHFDLSHGSAQVKGHGKKVADALTNAVAHVDDMPNAL
SALSDLHAHKLRVDPVNFKLLSHCLLVTLAAHLPAEFTPAVHASLDKFLASVSTVLTSKYR
;
A
2 'polypeptide(L)'
;VHLTPEEKSAVTALWGKVNVDEVGGEALGRLLVVYPWTQRFFESFGDLSTPDAVMGNPKVKAHGKKVLGAFSDGLAHLDN
LKGTFATLSELHCDKLHVDPENFRLLGNVLVCVLAHHFGKEFTPPVQAAYQKVVAGVANALAHKYH
;
B
#
loop_
_chem_comp.id
_chem_comp.type
_chem_comp.name
_chem_comp.formula
CMO non-polymer 'CARBON MONOXIDE' 'C O'
EBJ non-polymer 1H-1,2,3-triazole-5-thiol 'C2 H3 N3 S'
HEM non-polymer 'PROTOPORPHYRIN IX CONTAINING FE' 'C34 H32 Fe N4 O4'
#
# COMPACT_ATOMS: atom_id res chain seq x y z
N VAL A 1 0.15 20.27 -7.37
CA VAL A 1 0.42 18.85 -7.14
C VAL A 1 -0.65 18.27 -6.21
N LEU A 2 -0.68 18.74 -4.97
CA LEU A 2 -1.71 18.35 -4.02
C LEU A 2 -2.85 19.35 -4.07
N SER A 3 -4.08 18.85 -4.07
CA SER A 3 -5.26 19.71 -4.03
C SER A 3 -5.47 20.26 -2.62
N PRO A 4 -6.29 21.33 -2.50
CA PRO A 4 -6.64 21.79 -1.16
C PRO A 4 -7.31 20.68 -0.34
N ALA A 5 -8.17 19.87 -0.97
CA ALA A 5 -8.82 18.78 -0.24
C ALA A 5 -7.79 17.77 0.27
N ASP A 6 -6.81 17.47 -0.59
CA ASP A 6 -5.68 16.61 -0.21
C ASP A 6 -4.98 17.14 1.03
N LYS A 7 -4.62 18.41 0.97
CA LYS A 7 -3.93 19.06 2.07
C LYS A 7 -4.79 18.99 3.34
N THR A 8 -6.06 19.28 3.19
CA THR A 8 -7.01 19.14 4.29
C THR A 8 -7.06 17.71 4.81
N ASN A 9 -7.13 16.73 3.90
CA ASN A 9 -7.21 15.34 4.32
C ASN A 9 -5.95 14.86 5.03
N VAL A 10 -4.79 15.28 4.54
CA VAL A 10 -3.53 14.86 5.11
C VAL A 10 -3.33 15.45 6.51
N LYS A 11 -3.70 16.72 6.66
CA LYS A 11 -3.68 17.41 7.94
C LYS A 11 -4.55 16.70 8.98
N ALA A 12 -5.74 16.28 8.55
CA ALA A 12 -6.67 15.56 9.41
C ALA A 12 -6.10 14.25 9.92
N ALA A 13 -5.51 13.46 9.03
CA ALA A 13 -4.98 12.16 9.40
C ALA A 13 -3.82 12.33 10.39
N TRP A 14 -2.92 13.26 10.07
CA TRP A 14 -1.83 13.65 10.96
C TRP A 14 -2.39 13.95 12.35
N GLY A 15 -3.45 14.75 12.40
CA GLY A 15 -4.04 15.18 13.66
C GLY A 15 -4.50 14.01 14.49
N LYS A 16 -5.17 13.07 13.84
CA LYS A 16 -5.68 11.90 14.55
C LYS A 16 -4.56 10.97 14.99
N VAL A 17 -3.58 10.74 14.12
CA VAL A 17 -2.38 9.99 14.48
C VAL A 17 -1.74 10.52 15.76
N GLY A 18 -1.69 11.84 15.87
CA GLY A 18 -1.21 12.51 17.07
C GLY A 18 0.17 12.06 17.50
N ALA A 19 0.36 11.96 18.81
CA ALA A 19 1.63 11.58 19.42
C ALA A 19 2.03 10.13 19.20
N HIS A 20 1.27 9.40 18.39
CA HIS A 20 1.67 8.05 18.04
C HIS A 20 2.61 8.07 16.83
N ALA A 21 2.78 9.26 16.24
CA ALA A 21 3.55 9.44 14.99
C ALA A 21 4.87 8.66 14.98
N GLY A 22 5.69 8.87 15.99
CA GLY A 22 6.95 8.14 16.11
C GLY A 22 6.79 6.63 16.09
N GLU A 23 5.85 6.12 16.88
CA GLU A 23 5.60 4.67 16.98
C GLU A 23 5.13 4.11 15.65
N TYR A 24 4.32 4.87 14.94
CA TYR A 24 3.78 4.41 13.67
C TYR A 24 4.89 4.38 12.60
N GLY A 25 5.77 5.38 12.61
CA GLY A 25 6.92 5.41 11.72
C GLY A 25 7.82 4.21 11.92
N ALA A 26 8.07 3.85 13.18
CA ALA A 26 8.85 2.66 13.50
C ALA A 26 8.16 1.39 12.99
N GLU A 27 6.84 1.32 13.15
CA GLU A 27 6.08 0.18 12.64
C GLU A 27 6.15 0.06 11.11
N ALA A 28 6.01 1.19 10.43
CA ALA A 28 6.13 1.21 8.98
C ALA A 28 7.51 0.68 8.55
N LEU A 29 8.56 1.14 9.22
CA LEU A 29 9.90 0.63 8.94
C LEU A 29 9.95 -0.89 9.10
N GLU A 30 9.44 -1.40 10.21
CA GLU A 30 9.45 -2.85 10.42
C GLU A 30 8.71 -3.58 9.31
N ARG A 31 7.56 -3.03 8.92
CA ARG A 31 6.74 -3.64 7.90
C ARG A 31 7.52 -3.72 6.60
N MET A 32 8.23 -2.65 6.27
CA MET A 32 9.04 -2.61 5.06
C MET A 32 10.15 -3.63 5.08
N PHE A 33 10.88 -3.70 6.19
CA PHE A 33 12.01 -4.62 6.32
C PHE A 33 11.56 -6.07 6.19
N LEU A 34 10.38 -6.37 6.75
CA LEU A 34 9.86 -7.74 6.71
C LEU A 34 9.27 -8.07 5.34
N SER A 35 8.52 -7.12 4.78
CA SER A 35 7.84 -7.39 3.52
C SER A 35 8.78 -7.29 2.32
N PHE A 36 9.80 -6.43 2.44
CA PHE A 36 10.69 -6.15 1.33
C PHE A 36 12.14 -6.19 1.82
N PRO A 37 12.68 -7.41 1.99
CA PRO A 37 13.96 -7.60 2.68
C PRO A 37 15.13 -6.91 2.01
N THR A 38 15.06 -6.64 0.70
CA THR A 38 16.13 -5.90 0.02
C THR A 38 16.37 -4.53 0.66
N THR A 39 15.35 -3.97 1.31
CA THR A 39 15.49 -2.64 1.89
C THR A 39 16.43 -2.66 3.09
N LYS A 40 16.58 -3.82 3.72
CA LYS A 40 17.40 -3.93 4.92
C LYS A 40 18.87 -3.64 4.70
N THR A 41 19.34 -3.72 3.46
CA THR A 41 20.77 -3.55 3.21
C THR A 41 21.20 -2.09 3.33
N TYR A 42 20.24 -1.19 3.46
CA TYR A 42 20.55 0.20 3.72
C TYR A 42 20.84 0.42 5.18
N PHE A 43 20.46 -0.56 6.00
CA PHE A 43 20.62 -0.47 7.45
C PHE A 43 21.45 -1.64 7.97
N PRO A 44 22.69 -1.79 7.45
CA PRO A 44 23.47 -2.97 7.85
C PRO A 44 23.85 -2.89 9.32
N HIS A 45 24.08 -1.65 9.78
CA HIS A 45 24.51 -1.38 11.15
C HIS A 45 23.36 -1.19 12.11
N PHE A 46 22.13 -1.36 11.63
CA PHE A 46 20.97 -1.33 12.50
C PHE A 46 20.75 -2.72 13.02
N ASP A 47 20.25 -2.85 14.24
CA ASP A 47 19.59 -4.09 14.60
C ASP A 47 18.14 -3.91 14.20
N LEU A 48 17.62 -4.85 13.40
CA LEU A 48 16.31 -4.67 12.80
C LEU A 48 15.30 -5.64 13.39
N SER A 49 15.65 -6.26 14.50
CA SER A 49 14.72 -7.12 15.23
C SER A 49 13.56 -6.31 15.76
N HIS A 50 12.46 -7.01 16.03
CA HIS A 50 11.31 -6.40 16.65
C HIS A 50 11.72 -5.74 17.98
N GLY A 51 11.25 -4.52 18.21
CA GLY A 51 11.50 -3.85 19.48
C GLY A 51 12.86 -3.20 19.55
N SER A 52 13.57 -3.20 18.43
CA SER A 52 14.87 -2.54 18.36
C SER A 52 14.77 -1.04 18.69
N ALA A 53 15.64 -0.59 19.60
CA ALA A 53 15.69 0.82 19.96
C ALA A 53 16.08 1.67 18.76
N GLN A 54 16.87 1.08 17.87
CA GLN A 54 17.37 1.81 16.73
C GLN A 54 16.26 2.03 15.71
N VAL A 55 15.43 0.99 15.49
CA VAL A 55 14.29 1.14 14.61
C VAL A 55 13.29 2.16 15.21
N LYS A 56 13.07 2.09 16.51
CA LYS A 56 12.18 3.05 17.16
C LYS A 56 12.68 4.47 16.99
N GLY A 57 13.94 4.69 17.28
CA GLY A 57 14.52 6.01 17.19
C GLY A 57 14.43 6.49 15.76
N HIS A 58 14.62 5.57 14.83
CA HIS A 58 14.59 5.98 13.44
C HIS A 58 13.19 6.29 12.95
N GLY A 59 12.23 5.49 13.40
CA GLY A 59 10.83 5.72 13.10
C GLY A 59 10.37 7.12 13.48
N LYS A 60 10.88 7.61 14.61
CA LYS A 60 10.54 8.95 15.06
C LYS A 60 11.11 9.99 14.11
N LYS A 61 12.34 9.78 13.68
CA LYS A 61 12.95 10.67 12.70
C LYS A 61 12.11 10.78 11.42
N VAL A 62 11.74 9.63 10.85
CA VAL A 62 10.86 9.55 9.69
C VAL A 62 9.59 10.38 9.90
N ALA A 63 8.85 10.00 10.93
CA ALA A 63 7.64 10.68 11.33
C ALA A 63 7.84 12.19 11.40
N ASP A 64 8.92 12.62 12.02
CA ASP A 64 9.19 14.06 12.15
C ASP A 64 9.46 14.73 10.82
N ALA A 65 10.09 14.00 9.92
CA ALA A 65 10.33 14.50 8.56
C ALA A 65 9.00 14.66 7.85
N LEU A 66 8.14 13.66 7.99
CA LEU A 66 6.84 13.70 7.34
C LEU A 66 5.99 14.82 7.94
N THR A 67 6.04 14.98 9.26
CA THR A 67 5.32 16.07 9.91
C THR A 67 5.80 17.45 9.42
N ASN A 68 7.12 17.62 9.30
CA ASN A 68 7.69 18.84 8.75
C ASN A 68 7.23 19.07 7.31
N ALA A 69 7.09 17.98 6.55
CA ALA A 69 6.58 18.08 5.19
C ALA A 69 5.12 18.55 5.15
N VAL A 70 4.23 17.97 5.94
CA VAL A 70 2.85 18.47 5.93
C VAL A 70 2.80 19.89 6.51
N ALA A 71 3.65 20.20 7.49
CA ALA A 71 3.65 21.53 8.09
C ALA A 71 4.12 22.60 7.10
N HIS A 72 4.82 22.17 6.06
CA HIS A 72 5.27 23.08 5.02
C HIS A 72 4.89 22.55 3.65
N VAL A 73 3.63 22.13 3.54
CA VAL A 73 3.16 21.34 2.41
C VAL A 73 3.28 22.09 1.07
N ASP A 74 3.18 23.41 1.11
CA ASP A 74 3.31 24.22 -0.11
C ASP A 74 4.76 24.49 -0.49
N ASP A 75 5.70 24.02 0.32
CA ASP A 75 7.11 24.17 -0.04
C ASP A 75 7.93 22.98 0.45
N MET A 76 7.53 21.79 0.03
CA MET A 76 8.26 20.59 0.46
C MET A 76 9.69 20.49 -0.11
N PRO A 77 9.93 20.90 -1.38
CA PRO A 77 11.32 20.89 -1.84
C PRO A 77 12.29 21.62 -0.91
N ASN A 78 11.92 22.83 -0.50
CA ASN A 78 12.76 23.58 0.42
C ASN A 78 12.88 22.90 1.78
N ALA A 79 11.74 22.50 2.34
CA ALA A 79 11.71 21.89 3.65
C ALA A 79 12.52 20.59 3.71
N LEU A 80 12.49 19.84 2.62
CA LEU A 80 13.09 18.51 2.59
C LEU A 80 14.45 18.46 1.88
N SER A 81 15.00 19.63 1.53
CA SER A 81 16.25 19.68 0.74
C SER A 81 17.40 18.89 1.35
N ALA A 82 17.64 19.05 2.65
CA ALA A 82 18.73 18.35 3.31
C ALA A 82 18.49 16.85 3.28
N LEU A 83 17.26 16.42 3.52
CA LEU A 83 16.93 15.00 3.44
C LEU A 83 17.04 14.44 2.02
N SER A 84 16.66 15.24 1.02
CA SER A 84 16.84 14.87 -0.38
C SER A 84 18.31 14.62 -0.71
N ASP A 85 19.16 15.54 -0.23
CA ASP A 85 20.60 15.43 -0.41
C ASP A 85 21.12 14.17 0.21
N LEU A 86 20.69 13.93 1.45
CA LEU A 86 21.11 12.77 2.19
C LEU A 86 20.75 11.48 1.44
N HIS A 87 19.49 11.35 1.01
CA HIS A 87 19.06 10.07 0.46
C HIS A 87 19.60 9.76 -0.92
N ALA A 88 19.59 10.75 -1.80
CA ALA A 88 20.06 10.53 -3.16
C ALA A 88 21.58 10.48 -3.27
N HIS A 89 22.24 11.52 -2.76
CA HIS A 89 23.69 11.67 -2.91
C HIS A 89 24.49 10.76 -2.01
N LYS A 90 24.21 10.81 -0.72
CA LYS A 90 24.99 10.08 0.27
C LYS A 90 24.60 8.60 0.36
N LEU A 91 23.31 8.35 0.56
CA LEU A 91 22.86 7.00 0.81
C LEU A 91 22.56 6.27 -0.48
N ARG A 92 22.42 7.04 -1.57
CA ARG A 92 22.06 6.50 -2.88
C ARG A 92 20.89 5.54 -2.78
N VAL A 93 19.80 6.00 -2.19
CA VAL A 93 18.64 5.14 -2.03
C VAL A 93 17.92 5.01 -3.35
N ASP A 94 17.83 3.77 -3.79
CA ASP A 94 17.07 3.36 -4.96
C ASP A 94 15.66 3.94 -4.89
N PRO A 95 15.23 4.67 -5.93
CA PRO A 95 13.91 5.32 -5.94
C PRO A 95 12.76 4.36 -5.68
N VAL A 96 12.90 3.11 -6.10
CA VAL A 96 11.81 2.16 -5.91
C VAL A 96 11.51 1.94 -4.43
N ASN A 97 12.49 2.14 -3.56
CA ASN A 97 12.30 1.86 -2.13
C ASN A 97 11.37 2.88 -1.48
N PHE A 98 11.25 4.05 -2.10
CA PHE A 98 10.36 5.06 -1.57
C PHE A 98 8.90 4.63 -1.73
N LYS A 99 8.60 3.95 -2.82
CA LYS A 99 7.23 3.42 -3.02
C LYS A 99 6.93 2.30 -2.02
N LEU A 100 7.94 1.53 -1.70
CA LEU A 100 7.81 0.46 -0.71
C LEU A 100 7.53 1.04 0.69
N LEU A 101 8.30 2.03 1.12
CA LEU A 101 8.07 2.57 2.46
C LEU A 101 6.74 3.34 2.47
N SER A 102 6.42 4.01 1.36
CA SER A 102 5.17 4.76 1.28
C SER A 102 4.00 3.80 1.48
N HIS A 103 4.05 2.65 0.81
CA HIS A 103 2.99 1.64 0.93
C HIS A 103 2.87 1.18 2.38
N CYS A 104 4.01 0.92 3.04
CA CYS A 104 3.99 0.47 4.43
C CYS A 104 3.51 1.57 5.40
N LEU A 105 3.80 2.82 5.08
CA LEU A 105 3.24 3.93 5.85
C LEU A 105 1.71 3.97 5.72
N LEU A 106 1.21 3.74 4.50
CA LEU A 106 -0.25 3.65 4.29
C LEU A 106 -0.85 2.48 5.05
N VAL A 107 -0.25 1.30 4.91
CA VAL A 107 -0.69 0.14 5.66
C VAL A 107 -0.73 0.41 7.17
N THR A 108 0.31 1.05 7.69
CA THR A 108 0.40 1.35 9.12
C THR A 108 -0.72 2.31 9.58
N LEU A 109 -1.00 3.34 8.79
CA LEU A 109 -2.10 4.26 9.09
C LEU A 109 -3.42 3.50 9.03
N ALA A 110 -3.61 2.71 7.98
CA ALA A 110 -4.83 1.91 7.82
C ALA A 110 -5.11 1.03 9.03
N ALA A 111 -4.06 0.43 9.58
CA ALA A 111 -4.22 -0.53 10.67
C ALA A 111 -4.46 0.17 12.01
N HIS A 112 -4.29 1.49 12.02
CA HIS A 112 -4.39 2.26 13.26
C HIS A 112 -5.53 3.29 13.23
N LEU A 113 -5.92 3.73 12.03
CA LEU A 113 -7.01 4.71 11.90
C LEU A 113 -8.21 4.18 11.13
N PRO A 114 -8.99 3.29 11.77
CA PRO A 114 -10.21 2.76 11.14
C PRO A 114 -11.09 3.86 10.53
N ALA A 115 -11.39 4.88 11.33
CA ALA A 115 -12.33 5.91 10.92
C ALA A 115 -11.75 6.84 9.85
N GLU A 116 -10.49 7.22 10.02
CA GLU A 116 -9.88 8.23 9.15
C GLU A 116 -9.44 7.69 7.79
N PHE A 117 -9.09 6.42 7.70
CA PHE A 117 -8.56 5.88 6.44
C PHE A 117 -9.67 5.58 5.43
N THR A 118 -10.42 6.62 5.06
CA THR A 118 -11.46 6.47 4.04
C THR A 118 -10.79 6.41 2.65
N PRO A 119 -11.53 5.97 1.62
CA PRO A 119 -11.02 6.03 0.24
C PRO A 119 -10.43 7.40 -0.13
N ALA A 120 -11.14 8.48 0.17
CA ALA A 120 -10.66 9.81 -0.17
C ALA A 120 -9.35 10.14 0.56
N VAL A 121 -9.30 9.84 1.86
CA VAL A 121 -8.11 10.15 2.65
C VAL A 121 -6.91 9.26 2.23
N HIS A 122 -7.19 7.99 1.97
CA HIS A 122 -6.26 7.05 1.34
C HIS A 122 -5.62 7.68 0.08
N ALA A 123 -6.47 8.13 -0.86
CA ALA A 123 -5.98 8.78 -2.07
C ALA A 123 -5.11 10.00 -1.77
N SER A 124 -5.53 10.83 -0.81
CA SER A 124 -4.77 12.02 -0.46
C SER A 124 -3.43 11.68 0.19
N LEU A 125 -3.41 10.69 1.08
CA LEU A 125 -2.18 10.29 1.74
C LEU A 125 -1.21 9.71 0.74
N ASP A 126 -1.71 8.88 -0.17
CA ASP A 126 -0.87 8.33 -1.22
C ASP A 126 -0.20 9.43 -2.03
N LYS A 127 -0.98 10.42 -2.47
CA LYS A 127 -0.40 11.53 -3.23
C LYS A 127 0.62 12.32 -2.40
N PHE A 128 0.31 12.50 -1.12
CA PHE A 128 1.23 13.22 -0.24
C PHE A 128 2.59 12.53 -0.17
N LEU A 129 2.54 11.21 0.05
CA LEU A 129 3.77 10.39 0.15
C LEU A 129 4.50 10.28 -1.16
N ALA A 130 3.76 10.24 -2.27
CA ALA A 130 4.41 10.25 -3.59
C ALA A 130 5.15 11.58 -3.81
N SER A 131 4.55 12.66 -3.35
CA SER A 131 5.20 13.98 -3.47
C SER A 131 6.44 14.09 -2.59
N VAL A 132 6.34 13.63 -1.34
CA VAL A 132 7.51 13.54 -0.47
C VAL A 132 8.60 12.71 -1.15
N SER A 133 8.21 11.54 -1.67
CA SER A 133 9.17 10.65 -2.36
C SER A 133 9.85 11.31 -3.58
N THR A 134 9.05 11.99 -4.39
CA THR A 134 9.58 12.78 -5.51
C THR A 134 10.66 13.76 -5.06
N VAL A 135 10.37 14.51 -4.01
CA VAL A 135 11.37 15.43 -3.47
C VAL A 135 12.62 14.68 -3.02
N LEU A 136 12.44 13.58 -2.28
CA LEU A 136 13.59 12.87 -1.71
C LEU A 136 14.39 12.10 -2.77
N THR A 137 13.84 11.96 -3.96
CA THR A 137 14.60 11.35 -5.05
C THR A 137 14.99 12.39 -6.10
N SER A 138 14.80 13.66 -5.77
CA SER A 138 14.89 14.74 -6.76
C SER A 138 16.33 15.11 -7.05
N LYS A 139 17.23 14.54 -6.27
CA LYS A 139 18.63 14.66 -6.58
C LYS A 139 19.05 13.41 -7.38
N TYR A 140 18.12 12.93 -8.21
CA TYR A 140 18.34 11.93 -9.27
C TYR A 140 17.89 12.49 -10.61
N VAL B 1 4.86 -19.32 -6.04
CA VAL B 1 5.69 -18.84 -4.94
C VAL B 1 5.46 -19.68 -3.69
N HIS B 2 6.51 -19.88 -2.91
CA HIS B 2 6.39 -20.71 -1.72
C HIS B 2 6.35 -19.90 -0.45
N LEU B 3 5.26 -20.07 0.30
CA LEU B 3 5.19 -19.54 1.64
C LEU B 3 5.72 -20.59 2.60
N THR B 4 6.46 -20.15 3.62
CA THR B 4 6.80 -21.03 4.74
C THR B 4 5.51 -21.49 5.40
N PRO B 5 5.58 -22.57 6.19
CA PRO B 5 4.40 -22.98 6.95
C PRO B 5 3.81 -21.85 7.80
N GLU B 6 4.66 -21.06 8.47
CA GLU B 6 4.16 -19.95 9.27
C GLU B 6 3.55 -18.87 8.39
N GLU B 7 4.18 -18.60 7.25
CA GLU B 7 3.61 -17.67 6.27
C GLU B 7 2.24 -18.16 5.82
N LYS B 8 2.15 -19.43 5.43
CA LYS B 8 0.86 -20.02 5.02
C LYS B 8 -0.18 -19.92 6.13
N SER B 9 0.27 -20.12 7.36
CA SER B 9 -0.63 -20.08 8.51
C SER B 9 -1.18 -18.69 8.70
N ALA B 10 -0.30 -17.70 8.60
CA ALA B 10 -0.68 -16.31 8.76
C ALA B 10 -1.70 -15.88 7.70
N VAL B 11 -1.52 -16.34 6.46
CA VAL B 11 -2.41 -15.95 5.38
C VAL B 11 -3.76 -16.63 5.53
N THR B 12 -3.73 -17.93 5.76
CA THR B 12 -4.93 -18.77 5.83
C THR B 12 -5.88 -18.36 6.95
N ALA B 13 -5.33 -18.19 8.14
CA ALA B 13 -6.13 -17.84 9.31
C ALA B 13 -6.88 -16.52 9.09
N LEU B 14 -6.19 -15.54 8.53
CA LEU B 14 -6.80 -14.23 8.33
C LEU B 14 -7.85 -14.30 7.24
N TRP B 15 -7.55 -15.06 6.20
CA TRP B 15 -8.42 -15.08 5.03
C TRP B 15 -9.75 -15.76 5.32
N GLY B 16 -9.77 -16.61 6.35
CA GLY B 16 -10.98 -17.25 6.79
C GLY B 16 -11.96 -16.22 7.32
N LYS B 17 -11.42 -15.17 7.93
CA LYS B 17 -12.23 -14.12 8.53
C LYS B 17 -12.63 -13.01 7.56
N VAL B 18 -12.25 -13.14 6.30
CA VAL B 18 -12.56 -12.10 5.31
C VAL B 18 -14.00 -12.20 4.81
N ASN B 19 -14.73 -11.08 4.89
CA ASN B 19 -16.05 -10.95 4.28
C ASN B 19 -15.90 -10.92 2.76
N VAL B 20 -16.06 -12.08 2.12
CA VAL B 20 -15.85 -12.20 0.68
C VAL B 20 -16.90 -11.48 -0.17
N ASP B 21 -17.95 -10.97 0.47
CA ASP B 21 -18.96 -10.18 -0.23
C ASP B 21 -18.56 -8.71 -0.37
N GLU B 22 -17.57 -8.28 0.41
CA GLU B 22 -17.30 -6.85 0.58
C GLU B 22 -15.84 -6.39 0.29
N VAL B 23 -14.88 -7.17 0.76
CA VAL B 23 -13.47 -6.76 0.71
C VAL B 23 -13.02 -6.56 -0.73
N GLY B 24 -13.45 -7.45 -1.61
CA GLY B 24 -13.17 -7.31 -3.04
C GLY B 24 -13.61 -5.97 -3.58
N GLY B 25 -14.84 -5.57 -3.26
CA GLY B 25 -15.40 -4.32 -3.74
C GLY B 25 -14.67 -3.13 -3.14
N GLU B 26 -14.29 -3.23 -1.87
CA GLU B 26 -13.54 -2.14 -1.26
C GLU B 26 -12.19 -1.95 -1.94
N ALA B 27 -11.56 -3.06 -2.32
CA ALA B 27 -10.25 -3.00 -2.97
C ALA B 27 -10.31 -2.44 -4.38
N LEU B 28 -11.25 -2.94 -5.17
CA LEU B 28 -11.43 -2.43 -6.53
C LEU B 28 -11.81 -0.97 -6.49
N GLY B 29 -12.77 -0.66 -5.61
CA GLY B 29 -13.25 0.70 -5.45
C GLY B 29 -12.09 1.63 -5.13
N ARG B 30 -11.32 1.29 -4.11
CA ARG B 30 -10.18 2.11 -3.72
C ARG B 30 -9.19 2.27 -4.87
N LEU B 31 -8.95 1.20 -5.61
CA LEU B 31 -8.03 1.27 -6.76
C LEU B 31 -8.47 2.36 -7.72
N LEU B 32 -9.77 2.41 -8.00
CA LEU B 32 -10.33 3.35 -8.95
C LEU B 32 -10.31 4.77 -8.43
N VAL B 33 -10.41 4.92 -7.12
CA VAL B 33 -10.30 6.23 -6.48
C VAL B 33 -8.84 6.65 -6.36
N VAL B 34 -7.99 5.74 -5.90
CA VAL B 34 -6.60 6.09 -5.61
C VAL B 34 -5.76 6.22 -6.90
N TYR B 35 -6.05 5.38 -7.87
CA TYR B 35 -5.32 5.39 -9.14
C TYR B 35 -6.30 5.60 -10.28
N PRO B 36 -6.76 6.84 -10.45
CA PRO B 36 -7.95 7.13 -11.26
C PRO B 36 -7.80 6.81 -12.74
N TRP B 37 -6.57 6.63 -13.24
CA TRP B 37 -6.44 6.18 -14.63
C TRP B 37 -7.05 4.80 -14.82
N THR B 38 -7.14 4.02 -13.74
CA THR B 38 -7.71 2.69 -13.86
C THR B 38 -9.19 2.73 -14.21
N GLN B 39 -9.81 3.90 -14.05
CA GLN B 39 -11.21 4.10 -14.36
C GLN B 39 -11.48 3.96 -15.85
N ARG B 40 -10.42 4.13 -16.64
CA ARG B 40 -10.53 4.02 -18.09
C ARG B 40 -11.01 2.63 -18.51
N PHE B 41 -10.75 1.64 -17.66
CA PHE B 41 -11.10 0.27 -18.00
C PHE B 41 -12.54 -0.10 -17.59
N PHE B 42 -13.24 0.86 -16.98
CA PHE B 42 -14.57 0.58 -16.43
C PHE B 42 -15.60 1.67 -16.77
N GLU B 43 -15.55 2.15 -18.00
CA GLU B 43 -16.47 3.22 -18.40
C GLU B 43 -17.91 2.73 -18.44
N SER B 44 -18.09 1.41 -18.51
CA SER B 44 -19.42 0.84 -18.53
C SER B 44 -20.07 0.77 -17.15
N PHE B 45 -19.31 1.12 -16.10
CA PHE B 45 -19.78 0.88 -14.73
C PHE B 45 -20.63 2.02 -14.17
N GLY B 46 -20.77 3.11 -14.93
CA GLY B 46 -21.63 4.19 -14.53
C GLY B 46 -20.92 5.30 -13.78
N ASP B 47 -21.50 5.71 -12.64
CA ASP B 47 -21.01 6.86 -11.90
C ASP B 47 -19.73 6.55 -11.15
N LEU B 48 -18.64 7.18 -11.55
CA LEU B 48 -17.38 7.06 -10.85
C LEU B 48 -16.82 8.45 -10.59
N SER B 49 -17.72 9.43 -10.49
CA SER B 49 -17.36 10.84 -10.40
C SER B 49 -16.91 11.27 -9.00
N THR B 50 -17.24 10.47 -7.99
CA THR B 50 -16.82 10.76 -6.64
C THR B 50 -16.34 9.48 -5.96
N PRO B 51 -15.57 9.61 -4.87
CA PRO B 51 -15.26 8.42 -4.06
C PRO B 51 -16.53 7.69 -3.60
N ASP B 52 -17.46 8.42 -2.99
CA ASP B 52 -18.72 7.82 -2.53
C ASP B 52 -19.43 7.11 -3.67
N ALA B 53 -19.43 7.73 -4.85
CA ALA B 53 -20.06 7.13 -6.02
C ALA B 53 -19.41 5.82 -6.39
N VAL B 54 -18.07 5.79 -6.40
CA VAL B 54 -17.34 4.59 -6.77
C VAL B 54 -17.63 3.47 -5.77
N MET B 55 -17.48 3.79 -4.49
CA MET B 55 -17.62 2.80 -3.42
C MET B 55 -19.04 2.23 -3.36
N GLY B 56 -20.03 3.11 -3.47
CA GLY B 56 -21.42 2.70 -3.48
C GLY B 56 -21.91 2.06 -4.77
N ASN B 57 -21.11 2.17 -5.84
CA ASN B 57 -21.48 1.65 -7.15
C ASN B 57 -21.66 0.14 -7.12
N PRO B 58 -22.89 -0.34 -7.38
CA PRO B 58 -23.22 -1.78 -7.33
C PRO B 58 -22.35 -2.63 -8.25
N LYS B 59 -21.99 -2.07 -9.40
CA LYS B 59 -21.18 -2.80 -10.36
C LYS B 59 -19.74 -2.95 -9.86
N VAL B 60 -19.21 -1.92 -9.21
CA VAL B 60 -17.90 -2.01 -8.59
C VAL B 60 -17.92 -3.12 -7.56
N LYS B 61 -18.87 -3.06 -6.62
CA LYS B 61 -19.00 -4.08 -5.59
C LYS B 61 -19.14 -5.48 -6.19
N ALA B 62 -20.04 -5.61 -7.16
CA ALA B 62 -20.27 -6.89 -7.83
C ALA B 62 -18.99 -7.41 -8.46
N HIS B 63 -18.27 -6.52 -9.13
CA HIS B 63 -17.08 -6.97 -9.82
C HIS B 63 -15.95 -7.30 -8.84
N GLY B 64 -15.87 -6.54 -7.75
CA GLY B 64 -14.91 -6.81 -6.70
C GLY B 64 -14.99 -8.23 -6.17
N LYS B 65 -16.20 -8.77 -6.10
CA LYS B 65 -16.39 -10.16 -5.66
C LYS B 65 -15.62 -11.14 -6.54
N LYS B 66 -15.65 -10.91 -7.85
CA LYS B 66 -14.98 -11.80 -8.81
C LYS B 66 -13.47 -11.74 -8.61
N VAL B 67 -12.92 -10.53 -8.57
CA VAL B 67 -11.53 -10.32 -8.19
C VAL B 67 -11.13 -11.14 -6.99
N LEU B 68 -11.85 -10.93 -5.89
CA LEU B 68 -11.58 -11.62 -4.63
C LEU B 68 -11.75 -13.12 -4.81
N GLY B 69 -12.70 -13.48 -5.67
CA GLY B 69 -12.88 -14.86 -6.06
C GLY B 69 -11.59 -15.40 -6.62
N ALA B 70 -11.01 -14.65 -7.57
CA ALA B 70 -9.74 -15.05 -8.17
C ALA B 70 -8.62 -15.08 -7.14
N PHE B 71 -8.59 -14.10 -6.24
CA PHE B 71 -7.57 -14.09 -5.20
C PHE B 71 -7.68 -15.31 -4.30
N SER B 72 -8.90 -15.67 -3.91
CA SER B 72 -9.14 -16.86 -3.09
C SER B 72 -8.65 -18.11 -3.81
N ASP B 73 -8.95 -18.19 -5.11
CA ASP B 73 -8.46 -19.28 -5.94
C ASP B 73 -6.93 -19.27 -5.96
N GLY B 74 -6.34 -18.09 -5.98
CA GLY B 74 -4.89 -17.97 -5.91
C GLY B 74 -4.30 -18.54 -4.63
N LEU B 75 -4.91 -18.23 -3.50
CA LEU B 75 -4.44 -18.72 -2.21
C LEU B 75 -4.51 -20.24 -2.15
N ALA B 76 -5.53 -20.80 -2.80
CA ALA B 76 -5.71 -22.26 -2.84
C ALA B 76 -4.65 -22.97 -3.67
N HIS B 77 -4.05 -22.26 -4.62
CA HIS B 77 -3.05 -22.85 -5.52
C HIS B 77 -1.74 -22.05 -5.58
N LEU B 78 -1.09 -21.87 -4.44
CA LEU B 78 0.14 -21.09 -4.36
C LEU B 78 1.29 -21.67 -5.19
N ASP B 79 1.30 -22.98 -5.35
CA ASP B 79 2.35 -23.65 -6.10
C ASP B 79 2.09 -23.68 -7.60
N ASN B 80 0.86 -23.40 -8.00
CA ASN B 80 0.54 -23.30 -9.43
C ASN B 80 -0.25 -22.04 -9.74
N LEU B 81 0.35 -20.88 -9.45
CA LEU B 81 -0.30 -19.62 -9.73
C LEU B 81 -0.29 -19.35 -11.23
N LYS B 82 0.74 -19.85 -11.90
CA LYS B 82 0.89 -19.70 -13.34
C LYS B 82 -0.33 -20.29 -14.07
N GLY B 83 -0.55 -21.59 -13.88
CA GLY B 83 -1.66 -22.27 -14.52
C GLY B 83 -3.00 -21.75 -14.06
N THR B 84 -3.10 -21.41 -12.79
CA THR B 84 -4.34 -20.91 -12.21
C THR B 84 -4.81 -19.63 -12.91
N PHE B 85 -3.88 -18.71 -13.14
CA PHE B 85 -4.26 -17.40 -13.68
C PHE B 85 -4.05 -17.30 -15.19
N ALA B 86 -3.73 -18.43 -15.82
CA ALA B 86 -3.54 -18.51 -17.27
C ALA B 86 -4.60 -17.75 -18.06
N THR B 87 -5.86 -18.05 -17.82
CA THR B 87 -6.97 -17.46 -18.55
C THR B 87 -7.18 -16.00 -18.20
N LEU B 88 -7.06 -15.66 -16.92
CA LEU B 88 -7.19 -14.27 -16.51
C LEU B 88 -6.06 -13.43 -17.11
N SER B 89 -4.92 -14.08 -17.32
CA SER B 89 -3.78 -13.42 -17.93
C SER B 89 -4.10 -13.03 -19.36
N GLU B 90 -4.56 -14.01 -20.16
CA GLU B 90 -4.94 -13.74 -21.54
C GLU B 90 -5.97 -12.63 -21.63
N LEU B 91 -6.96 -12.70 -20.75
CA LEU B 91 -7.99 -11.68 -20.68
C LEU B 91 -7.42 -10.26 -20.46
N HIS B 92 -6.66 -10.08 -19.38
CA HIS B 92 -6.20 -8.74 -19.00
C HIS B 92 -5.09 -8.24 -19.93
N CYS B 93 -4.19 -9.13 -20.28
CA CYS B 93 -3.06 -8.80 -21.12
C CYS B 93 -3.47 -8.63 -22.59
N ASP B 94 -4.02 -9.69 -23.17
CA ASP B 94 -4.28 -9.70 -24.61
C ASP B 94 -5.63 -9.10 -25.05
N LYS B 95 -6.64 -9.12 -24.18
CA LYS B 95 -7.89 -8.48 -24.58
C LYS B 95 -8.03 -7.09 -23.95
N LEU B 96 -7.73 -6.98 -22.66
CA LEU B 96 -7.98 -5.74 -21.94
C LEU B 96 -6.82 -4.73 -22.05
N HIS B 97 -5.62 -5.25 -22.27
CA HIS B 97 -4.42 -4.43 -22.37
C HIS B 97 -4.24 -3.55 -21.13
N VAL B 98 -4.35 -4.19 -19.98
CA VAL B 98 -4.04 -3.56 -18.71
C VAL B 98 -2.55 -3.69 -18.49
N ASP B 99 -1.88 -2.61 -18.12
CA ASP B 99 -0.49 -2.73 -17.74
C ASP B 99 -0.33 -3.51 -16.43
N PRO B 100 0.58 -4.50 -16.41
CA PRO B 100 0.86 -5.37 -15.27
C PRO B 100 1.15 -4.64 -13.97
N GLU B 101 1.74 -3.44 -14.04
CA GLU B 101 2.00 -2.64 -12.84
C GLU B 101 0.69 -2.44 -12.04
N ASN B 102 -0.41 -2.38 -12.76
CA ASN B 102 -1.69 -2.18 -12.11
C ASN B 102 -2.13 -3.40 -11.29
N PHE B 103 -1.64 -4.58 -11.64
CA PHE B 103 -1.89 -5.77 -10.83
C PHE B 103 -1.20 -5.59 -9.48
N ARG B 104 0.05 -5.13 -9.52
CA ARG B 104 0.80 -4.85 -8.29
C ARG B 104 0.08 -3.82 -7.45
N LEU B 105 -0.43 -2.76 -8.09
CA LEU B 105 -1.15 -1.74 -7.33
C LEU B 105 -2.41 -2.34 -6.70
N LEU B 106 -3.16 -3.15 -7.43
CA LEU B 106 -4.40 -3.70 -6.88
C LEU B 106 -4.08 -4.60 -5.69
N GLY B 107 -3.03 -5.40 -5.82
CA GLY B 107 -2.51 -6.21 -4.72
C GLY B 107 -2.18 -5.38 -3.50
N ASN B 108 -1.49 -4.26 -3.70
CA ASN B 108 -1.15 -3.41 -2.59
C ASN B 108 -2.36 -2.72 -1.99
N VAL B 109 -3.34 -2.40 -2.82
CA VAL B 109 -4.58 -1.82 -2.29
C VAL B 109 -5.30 -2.85 -1.43
N LEU B 110 -5.37 -4.08 -1.93
CA LEU B 110 -5.95 -5.18 -1.17
C LEU B 110 -5.31 -5.27 0.22
N VAL B 111 -3.98 -5.23 0.26
CA VAL B 111 -3.25 -5.26 1.53
C VAL B 111 -3.68 -4.09 2.42
N CYS B 112 -3.85 -2.89 1.85
CA CYS B 112 -4.33 -1.75 2.66
C CYS B 112 -5.73 -2.00 3.21
N VAL B 113 -6.55 -2.68 2.43
CA VAL B 113 -7.94 -2.97 2.82
C VAL B 113 -7.96 -3.99 3.96
N LEU B 114 -7.14 -5.03 3.82
CA LEU B 114 -6.98 -6.01 4.88
C LEU B 114 -6.49 -5.36 6.18
N ALA B 115 -5.52 -4.45 6.07
CA ALA B 115 -5.00 -3.75 7.25
C ALA B 115 -6.11 -2.93 7.90
N HIS B 116 -6.81 -2.15 7.09
CA HIS B 116 -7.96 -1.39 7.54
C HIS B 116 -8.98 -2.25 8.30
N HIS B 117 -9.30 -3.41 7.73
CA HIS B 117 -10.34 -4.28 8.27
C HIS B 117 -9.91 -5.00 9.55
N PHE B 118 -8.66 -5.44 9.61
CA PHE B 118 -8.17 -6.24 10.74
C PHE B 118 -7.29 -5.51 11.74
N GLY B 119 -6.95 -4.25 11.47
CA GLY B 119 -6.16 -3.46 12.39
C GLY B 119 -4.91 -4.16 12.92
N LYS B 120 -4.75 -4.17 14.25
CA LYS B 120 -3.64 -4.78 14.97
C LYS B 120 -3.36 -6.22 14.55
N GLU B 121 -4.41 -6.94 14.20
CA GLU B 121 -4.26 -8.33 13.78
C GLU B 121 -3.43 -8.46 12.49
N PHE B 122 -3.41 -7.40 11.69
CA PHE B 122 -2.63 -7.39 10.45
C PHE B 122 -1.21 -6.97 10.78
N THR B 123 -0.53 -7.89 11.46
CA THR B 123 0.79 -7.65 12.01
C THR B 123 1.83 -7.55 10.90
N PRO B 124 3.02 -6.99 11.20
CA PRO B 124 4.03 -6.92 10.14
C PRO B 124 4.39 -8.30 9.56
N PRO B 125 4.53 -9.36 10.40
CA PRO B 125 4.68 -10.68 9.76
C PRO B 125 3.51 -11.09 8.85
N VAL B 126 2.28 -10.86 9.29
CA VAL B 126 1.11 -11.21 8.48
C VAL B 126 1.15 -10.44 7.16
N GLN B 127 1.49 -9.15 7.25
CA GLN B 127 1.60 -8.35 6.04
C GLN B 127 2.66 -8.94 5.11
N ALA B 128 3.83 -9.25 5.65
CA ALA B 128 4.91 -9.80 4.81
C ALA B 128 4.45 -11.04 4.05
N ALA B 129 3.67 -11.88 4.70
CA ALA B 129 3.15 -13.08 4.06
C ALA B 129 2.20 -12.71 2.94
N TYR B 130 1.30 -11.76 3.18
CA TYR B 130 0.34 -11.37 2.14
C TYR B 130 1.04 -10.69 0.95
N GLN B 131 2.10 -9.92 1.20
CA GLN B 131 2.82 -9.29 0.09
C GLN B 131 3.39 -10.36 -0.84
N LYS B 132 3.88 -11.48 -0.27
CA LYS B 132 4.34 -12.60 -1.09
C LYS B 132 3.21 -13.10 -1.97
N VAL B 133 2.02 -13.16 -1.40
CA VAL B 133 0.86 -13.68 -2.13
C VAL B 133 0.45 -12.74 -3.27
N VAL B 134 0.29 -11.46 -2.98
CA VAL B 134 -0.19 -10.56 -4.00
C VAL B 134 0.90 -10.37 -5.07
N ALA B 135 2.17 -10.46 -4.70
CA ALA B 135 3.24 -10.46 -5.71
C ALA B 135 3.11 -11.67 -6.63
N GLY B 136 2.87 -12.85 -6.06
CA GLY B 136 2.72 -14.06 -6.86
C GLY B 136 1.57 -13.97 -7.84
N VAL B 137 0.43 -13.45 -7.37
CA VAL B 137 -0.72 -13.29 -8.23
C VAL B 137 -0.42 -12.34 -9.39
N ALA B 138 0.17 -11.18 -9.06
CA ALA B 138 0.50 -10.16 -10.05
C ALA B 138 1.40 -10.73 -11.14
N ASN B 139 2.47 -11.42 -10.73
CA ASN B 139 3.37 -12.01 -11.69
C ASN B 139 2.70 -13.11 -12.50
N ALA B 140 1.81 -13.87 -11.87
CA ALA B 140 1.09 -14.91 -12.59
C ALA B 140 0.22 -14.26 -13.66
N LEU B 141 -0.48 -13.20 -13.28
CA LEU B 141 -1.32 -12.46 -14.21
C LEU B 141 -0.51 -11.87 -15.34
N ALA B 142 0.75 -11.56 -15.07
CA ALA B 142 1.54 -10.80 -16.01
C ALA B 142 2.27 -11.69 -17.03
N HIS B 143 2.16 -13.01 -16.85
CA HIS B 143 2.90 -13.92 -17.73
C HIS B 143 2.46 -13.83 -19.19
C CMO C . 14.19 6.40 6.37
O CMO C . 14.21 5.53 7.23
CHA HEM D . 17.81 8.56 7.27
CHB HEM D . 13.37 10.36 6.35
CHC HEM D . 12.67 6.97 2.83
CHD HEM D . 17.01 4.91 4.04
C1A HEM D . 16.67 9.32 7.35
C2A HEM D . 16.39 10.37 8.31
C3A HEM D . 15.17 10.87 8.05
C4A HEM D . 14.61 10.14 6.92
CMA HEM D . 14.45 12.00 8.81
CAA HEM D . 17.38 10.82 9.41
CBA HEM D . 18.33 11.82 8.77
CGA HEM D . 19.24 12.44 9.81
O1A HEM D . 20.00 13.36 9.44
O2A HEM D . 19.19 12.00 11.00
C1B HEM D . 12.81 9.58 5.34
C2B HEM D . 11.46 9.74 4.85
C3B HEM D . 11.23 8.83 3.89
C4B HEM D . 12.45 8.01 3.73
CMB HEM D . 10.46 10.80 5.32
CAB HEM D . 9.87 8.76 3.16
CBB HEM D . 9.61 7.88 2.21
C1C HEM D . 13.78 6.10 2.93
C2C HEM D . 13.91 4.85 2.22
C3C HEM D . 15.10 4.29 2.53
C4C HEM D . 15.76 5.15 3.48
CMC HEM D . 12.84 4.33 1.25
CAC HEM D . 15.71 2.95 2.06
CBC HEM D . 14.98 1.83 2.06
C1D HEM D . 17.59 5.69 5.01
C2D HEM D . 18.88 5.41 5.61
C3D HEM D . 19.14 6.53 6.59
C4D HEM D . 17.99 7.41 6.51
CMD HEM D . 19.81 4.22 5.29
CAD HEM D . 20.38 6.72 7.49
CBD HEM D . 20.20 5.85 8.72
CGD HEM D . 21.42 6.02 9.57
O1D HEM D . 22.56 5.80 9.07
O2D HEM D . 21.24 6.35 10.77
NA HEM D . 15.55 9.19 6.53
NB HEM D . 13.38 8.51 4.65
NC HEM D . 14.94 6.23 3.71
ND HEM D . 17.11 6.87 5.58
FE HEM D . 15.25 7.63 5.24
C CMO E . -10.37 -6.59 -12.03
O CMO E . -11.28 -5.78 -12.08
CHA HEM F . -12.19 -8.69 -15.26
CHB HEM F . -9.44 -10.63 -11.72
CHC HEM F . -6.36 -6.80 -12.10
CHD HEM F . -9.34 -4.66 -15.41
C1A HEM F . -11.71 -9.52 -14.26
C2A HEM F . -12.36 -10.72 -13.79
C3A HEM F . -11.61 -11.26 -12.82
C4A HEM F . -10.45 -10.40 -12.63
CMA HEM F . -11.87 -12.54 -12.00
CAA HEM F . -13.69 -11.28 -14.34
CBA HEM F . -13.31 -12.32 -15.40
CGA HEM F . -14.55 -12.83 -16.10
O1A HEM F . -14.54 -14.02 -16.52
O2A HEM F . -15.55 -12.08 -16.22
C1B HEM F . -8.37 -9.76 -11.52
C2B HEM F . -7.31 -9.97 -10.58
C3B HEM F . -6.45 -8.94 -10.66
C4B HEM F . -6.93 -8.01 -11.68
CMB HEM F . -7.16 -11.16 -9.62
CAB HEM F . -5.20 -8.88 -9.76
CBB HEM F . -4.27 -7.96 -9.86
C1C HEM F . -6.97 -5.85 -12.93
C2C HEM F . -6.64 -4.44 -13.05
C3C HEM F . -7.45 -3.86 -13.96
C4C HEM F . -8.35 -4.87 -14.45
CMC HEM F . -5.50 -3.78 -12.24
CAC HEM F . -7.54 -2.40 -14.46
CBC HEM F . -6.89 -1.37 -13.91
C1D HEM F . -10.39 -5.54 -15.68
C2D HEM F . -11.46 -5.30 -16.63
C3D HEM F . -12.35 -6.55 -16.60
C4D HEM F . -11.73 -7.44 -15.63
CMD HEM F . -11.66 -4.05 -17.51
CAD HEM F . -13.62 -6.71 -17.49
CBD HEM F . -14.63 -7.77 -17.03
CGD HEM F . -15.14 -8.61 -18.18
O1D HEM F . -15.80 -9.63 -17.89
O2D HEM F . -14.90 -8.28 -19.38
NA HEM F . -10.55 -9.35 -13.52
NB HEM F . -8.12 -8.56 -12.18
NC HEM F . -8.04 -6.06 -13.81
ND HEM F . -10.60 -6.81 -15.11
FE HEM F . -9.49 -7.64 -13.53
S1 EBJ G . -1.01 -8.14 -18.63
C2 EBJ G . 0.46 -8.08 -19.59
N3 EBJ G . 1.50 -8.94 -19.54
N4 EBJ G . 2.41 -8.56 -20.39
N5 EBJ G . 2.03 -7.47 -21.02
C6 EBJ G . 0.81 -7.10 -20.57
#